data_9CNU
#
_entry.id   9CNU
#
loop_
_entity.id
_entity.type
_entity.pdbx_description
1 polymer 'Capsid protein p24'
2 polymer 'Nuclear pore complex protein Nup153'
3 non-polymer 'INOSITOL HEXAKISPHOSPHATE'
#
loop_
_entity_poly.entity_id
_entity_poly.type
_entity_poly.pdbx_seq_one_letter_code
_entity_poly.pdbx_strand_id
1 'polypeptide(L)'
;PVQQTGGGNYIHVPLSPRTLNAWVKLVEDKKFGAEVVPGFQALSEGCTPYDINQMLNCVGDHQAAMQIIREIINDEAADW
DAQHPIPGPLPAGQLRDPRGSDIAGTTSTVEEQIQWMYRPQNPVPVGNIYRRWIQIGLQKCVRMYNPTNILDVKQGPKEP
FQSYVDRFYKSLRAEQTDPAVKNWMTQTLLIQNANPDCKLVLKGLGMNPTLEEMLTACQGVGGPGQKARLMGSSHHHHHH
;
A
2 'polypeptide(L)' PSGVFTFGANSSTPAGRKIKTAVRRRK B
#
# COMPACT_ATOMS: atom_id res chain seq x y z
N PRO A 1 -4.93 8.38 -16.53
CA PRO A 1 -3.96 7.46 -17.13
C PRO A 1 -3.36 8.02 -18.42
N VAL A 2 -2.78 7.15 -19.27
CA VAL A 2 -2.19 7.59 -20.55
C VAL A 2 -2.51 6.60 -21.66
N GLN A 3 -2.77 7.07 -22.89
CA GLN A 3 -2.98 6.22 -24.08
C GLN A 3 -2.09 6.81 -25.18
N GLN A 4 -1.77 6.05 -26.22
CA GLN A 4 -0.88 6.53 -27.30
C GLN A 4 -1.74 6.80 -28.53
N THR A 5 -1.24 7.59 -29.48
CA THR A 5 -1.99 7.96 -30.71
C THR A 5 -1.06 7.87 -31.91
N GLY A 6 -1.61 7.83 -33.13
CA GLY A 6 -0.81 7.82 -34.37
C GLY A 6 0.33 8.84 -34.31
N GLY A 7 1.52 8.48 -34.79
CA GLY A 7 2.68 9.40 -34.83
C GLY A 7 3.62 9.20 -33.65
N GLY A 8 3.24 8.36 -32.68
CA GLY A 8 4.10 8.06 -31.51
C GLY A 8 3.84 9.04 -30.37
N ASN A 9 2.75 9.81 -30.41
CA ASN A 9 2.45 10.84 -29.39
C ASN A 9 1.75 10.18 -28.20
N TYR A 10 1.67 10.84 -27.04
CA TYR A 10 0.90 10.32 -25.89
C TYR A 10 -0.09 11.39 -25.43
N ILE A 11 -1.17 10.98 -24.76
CA ILE A 11 -2.24 11.93 -24.33
C ILE A 11 -2.73 11.50 -22.96
N HIS A 12 -3.48 12.36 -22.27
CA HIS A 12 -4.10 11.96 -20.99
C HIS A 12 -5.48 11.39 -21.26
N VAL A 13 -5.64 10.11 -21.01
CA VAL A 13 -6.98 9.49 -21.10
C VAL A 13 -7.50 9.66 -19.67
N PRO A 14 -8.80 9.63 -19.37
CA PRO A 14 -9.23 9.78 -17.99
C PRO A 14 -9.24 8.50 -17.16
N LEU A 15 -9.36 8.60 -15.83
CA LEU A 15 -9.50 7.39 -14.99
C LEU A 15 -10.97 7.03 -15.10
N SER A 16 -11.38 5.84 -14.70
CA SER A 16 -12.76 5.36 -14.96
C SER A 16 -13.69 5.42 -13.76
N PRO A 17 -15.02 5.49 -14.00
CA PRO A 17 -16.03 5.54 -12.93
C PRO A 17 -16.15 4.28 -12.07
N ARG A 18 -15.51 3.19 -12.48
CA ARG A 18 -15.62 1.89 -11.78
C ARG A 18 -14.39 1.62 -10.95
N THR A 19 -13.34 2.41 -11.10
CA THR A 19 -12.04 2.21 -10.43
C THR A 19 -11.98 3.17 -9.25
N LEU A 20 -12.21 4.45 -9.50
CA LEU A 20 -12.36 5.44 -8.41
C LEU A 20 -13.28 4.85 -7.36
N ASN A 21 -14.40 4.30 -7.81
CA ASN A 21 -15.47 3.78 -6.93
C ASN A 21 -15.05 2.51 -6.18
N ALA A 22 -14.33 1.63 -6.86
CA ALA A 22 -13.89 0.35 -6.26
C ALA A 22 -12.84 0.63 -5.21
N TRP A 23 -12.01 1.63 -5.46
CA TRP A 23 -10.98 2.06 -4.50
C TRP A 23 -11.67 2.64 -3.27
N VAL A 24 -12.62 3.53 -3.50
CA VAL A 24 -13.43 4.12 -2.42
C VAL A 24 -14.00 3.01 -1.54
N LYS A 25 -14.50 1.94 -2.15
CA LYS A 25 -15.15 0.82 -1.43
C LYS A 25 -14.13 -0.06 -0.72
N LEU A 26 -13.02 -0.37 -1.38
CA LEU A 26 -11.94 -1.21 -0.80
C LEU A 26 -11.43 -0.51 0.45
N VAL A 27 -11.31 0.81 0.41
CA VAL A 27 -10.83 1.64 1.55
C VAL A 27 -11.87 1.66 2.67
N GLU A 28 -13.15 1.55 2.34
CA GLU A 28 -14.24 1.70 3.33
C GLU A 28 -14.72 0.36 3.87
N ASP A 29 -15.08 -0.56 2.98
CA ASP A 29 -15.60 -1.89 3.35
C ASP A 29 -14.53 -2.64 4.14
N LYS A 30 -13.29 -2.52 3.69
CA LYS A 30 -12.15 -3.22 4.33
C LYS A 30 -11.56 -2.32 5.41
N LYS A 31 -11.90 -1.03 5.38
CA LYS A 31 -11.43 -0.08 6.41
C LYS A 31 -9.90 -0.10 6.43
N PHE A 32 -9.26 0.24 5.32
CA PHE A 32 -7.78 0.23 5.19
C PHE A 32 -7.26 -1.15 5.59
N GLY A 33 -7.91 -2.21 5.09
CA GLY A 33 -7.38 -3.56 5.30
C GLY A 33 -6.07 -3.62 4.54
N ALA A 34 -5.12 -4.46 4.96
CA ALA A 34 -3.82 -4.62 4.27
C ALA A 34 -3.98 -4.69 2.76
N GLU A 35 -5.05 -5.33 2.29
CA GLU A 35 -5.31 -5.56 0.85
C GLU A 35 -5.57 -4.26 0.10
N VAL A 36 -5.85 -3.19 0.83
CA VAL A 36 -6.12 -1.87 0.21
C VAL A 36 -4.92 -1.46 -0.63
N VAL A 37 -3.70 -1.78 -0.19
CA VAL A 37 -2.46 -1.37 -0.89
C VAL A 37 -2.34 -1.98 -2.29
N PRO A 38 -2.50 -3.30 -2.50
CA PRO A 38 -2.52 -3.92 -3.87
C PRO A 38 -3.82 -3.65 -4.62
N GLY A 39 -4.93 -3.49 -3.89
CA GLY A 39 -6.19 -3.12 -4.53
C GLY A 39 -5.98 -1.75 -5.18
N PHE A 40 -5.27 -0.85 -4.52
CA PHE A 40 -4.94 0.50 -5.03
C PHE A 40 -3.99 0.41 -6.21
N GLN A 41 -2.90 -0.33 -6.09
CA GLN A 41 -1.84 -0.46 -7.11
C GLN A 41 -2.42 -0.99 -8.41
N ALA A 42 -3.25 -2.03 -8.34
CA ALA A 42 -3.86 -2.68 -9.52
C ALA A 42 -4.84 -1.73 -10.20
N LEU A 43 -5.64 -1.03 -9.40
CA LEU A 43 -6.66 -0.08 -9.91
C LEU A 43 -5.95 1.11 -10.55
N SER A 44 -4.68 1.34 -10.20
CA SER A 44 -3.89 2.49 -10.68
C SER A 44 -2.72 2.10 -11.57
N GLU A 45 -2.75 0.91 -12.16
CA GLU A 45 -1.60 0.44 -12.98
C GLU A 45 -1.76 1.05 -14.37
N GLY A 46 -0.81 1.88 -14.81
CA GLY A 46 -0.91 2.60 -16.10
C GLY A 46 -1.47 3.99 -15.88
N CYS A 47 -1.66 4.40 -14.62
CA CYS A 47 -2.23 5.73 -14.25
C CYS A 47 -1.16 6.81 -14.15
N THR A 48 -1.58 8.06 -13.98
CA THR A 48 -0.65 9.19 -13.73
C THR A 48 -0.98 9.72 -12.33
N PRO A 49 -0.08 10.50 -11.69
CA PRO A 49 -0.31 11.01 -10.35
C PRO A 49 -1.62 11.79 -10.16
N TYR A 50 -2.06 12.52 -11.18
CA TYR A 50 -3.29 13.36 -11.13
C TYR A 50 -4.50 12.52 -10.73
N ASP A 51 -4.59 11.31 -11.27
CA ASP A 51 -5.75 10.42 -11.02
C ASP A 51 -5.55 9.69 -9.71
N ILE A 52 -4.31 9.33 -9.40
CA ILE A 52 -3.97 8.66 -8.12
C ILE A 52 -4.44 9.60 -7.03
N ASN A 53 -4.24 10.89 -7.20
CA ASN A 53 -4.73 11.91 -6.25
C ASN A 53 -6.25 11.89 -6.22
N GLN A 54 -6.91 12.01 -7.38
CA GLN A 54 -8.39 12.12 -7.44
C GLN A 54 -9.05 10.91 -6.79
N MET A 55 -8.48 9.73 -6.95
CA MET A 55 -8.99 8.48 -6.33
C MET A 55 -8.96 8.65 -4.81
N LEU A 56 -7.78 8.98 -4.29
CA LEU A 56 -7.57 9.16 -2.83
C LEU A 56 -8.48 10.26 -2.32
N ASN A 57 -8.68 11.32 -3.11
CA ASN A 57 -9.52 12.48 -2.72
C ASN A 57 -10.98 12.06 -2.61
N CYS A 58 -11.50 11.36 -3.62
CA CYS A 58 -12.93 10.97 -3.65
C CYS A 58 -13.31 10.30 -2.34
N VAL A 59 -12.41 9.51 -1.77
CA VAL A 59 -12.68 8.90 -0.44
C VAL A 59 -13.00 10.08 0.47
N GLY A 60 -14.13 10.05 1.17
CA GLY A 60 -14.59 11.18 2.00
C GLY A 60 -14.59 10.88 3.47
N ASP A 61 -14.07 9.72 3.84
CA ASP A 61 -14.10 9.26 5.25
C ASP A 61 -12.73 8.66 5.57
N HIS A 62 -12.48 8.34 6.85
CA HIS A 62 -11.14 7.86 7.24
C HIS A 62 -10.19 8.97 6.82
N GLN A 63 -10.62 10.22 7.00
CA GLN A 63 -9.84 11.39 6.53
C GLN A 63 -8.67 11.63 7.49
N ALA A 64 -8.60 10.93 8.61
CA ALA A 64 -7.44 10.98 9.54
C ALA A 64 -6.29 10.22 8.89
N ALA A 65 -6.59 9.12 8.23
CA ALA A 65 -5.57 8.25 7.59
C ALA A 65 -5.13 8.86 6.27
N MET A 66 -6.05 9.50 5.56
CA MET A 66 -5.74 10.16 4.28
C MET A 66 -4.77 11.28 4.61
N GLN A 67 -4.82 11.87 5.80
CA GLN A 67 -3.85 12.92 6.19
C GLN A 67 -2.50 12.28 6.53
N ILE A 68 -2.51 11.11 7.17
CA ILE A 68 -1.26 10.38 7.47
C ILE A 68 -0.58 10.08 6.13
N ILE A 69 -1.36 9.63 5.14
CA ILE A 69 -0.84 9.36 3.78
C ILE A 69 -0.25 10.66 3.24
N ARG A 70 -0.92 11.80 3.46
CA ARG A 70 -0.48 13.09 2.86
C ARG A 70 0.82 13.55 3.52
N GLU A 71 0.98 13.29 4.80
CA GLU A 71 2.20 13.66 5.53
C GLU A 71 3.34 12.78 5.03
N ILE A 72 3.07 11.49 4.80
CA ILE A 72 4.08 10.54 4.28
C ILE A 72 4.47 10.94 2.86
N ILE A 73 3.51 11.38 2.04
CA ILE A 73 3.77 11.78 0.62
C ILE A 73 4.67 13.00 0.60
N ASN A 74 4.46 13.96 1.52
CA ASN A 74 5.23 15.23 1.56
C ASN A 74 6.65 14.94 2.05
N ASP A 75 6.83 13.92 2.90
CA ASP A 75 8.14 13.50 3.46
C ASP A 75 8.98 12.84 2.37
N GLU A 76 8.39 11.93 1.60
CA GLU A 76 9.10 11.20 0.52
C GLU A 76 9.47 12.22 -0.55
N ALA A 77 8.60 13.20 -0.80
CA ALA A 77 8.82 14.27 -1.82
C ALA A 77 9.98 15.17 -1.39
N ALA A 78 10.10 15.45 -0.09
CA ALA A 78 11.15 16.33 0.46
C ALA A 78 12.51 15.64 0.33
N ASP A 79 12.53 14.31 0.33
CA ASP A 79 13.75 13.48 0.16
C ASP A 79 14.18 13.52 -1.31
N TRP A 80 13.22 13.45 -2.23
CA TRP A 80 13.52 13.51 -3.68
C TRP A 80 14.16 14.88 -3.96
N ASP A 81 13.64 15.95 -3.35
CA ASP A 81 14.22 17.30 -3.49
C ASP A 81 15.61 17.31 -2.85
N ALA A 82 15.77 16.68 -1.69
CA ALA A 82 17.04 16.67 -0.92
C ALA A 82 18.14 15.91 -1.67
N GLN A 83 17.81 14.80 -2.34
CA GLN A 83 18.80 13.93 -3.02
C GLN A 83 19.12 14.46 -4.41
N HIS A 84 18.10 14.97 -5.10
CA HIS A 84 18.29 15.46 -6.49
C HIS A 84 19.07 16.78 -6.44
N PRO A 85 19.87 17.11 -7.47
CA PRO A 85 20.73 18.29 -7.42
C PRO A 85 20.12 19.60 -7.94
N ILE A 86 18.84 19.58 -8.34
CA ILE A 86 18.18 20.77 -8.94
C ILE A 86 19.21 21.42 -9.87
N PRO A 87 19.52 20.80 -11.03
CA PRO A 87 20.57 21.32 -11.91
C PRO A 87 20.30 22.72 -12.43
N GLY A 88 21.19 23.26 -13.28
CA GLY A 88 21.05 24.62 -13.82
C GLY A 88 19.74 24.76 -14.57
N PRO A 89 19.10 25.96 -14.59
CA PRO A 89 17.77 26.10 -15.20
C PRO A 89 17.77 25.64 -16.66
N LEU A 90 16.69 24.98 -17.09
CA LEU A 90 16.57 24.46 -18.48
C LEU A 90 15.69 25.41 -19.29
N PRO A 91 15.75 25.40 -20.63
CA PRO A 91 14.98 26.34 -21.45
C PRO A 91 13.48 26.04 -21.39
N ALA A 92 12.64 26.96 -21.85
CA ALA A 92 11.17 26.76 -21.88
C ALA A 92 10.87 25.54 -22.74
N GLY A 93 11.54 25.41 -23.89
CA GLY A 93 11.40 24.23 -24.76
C GLY A 93 11.44 22.95 -23.94
N GLN A 94 12.36 22.85 -22.97
CA GLN A 94 12.52 21.65 -22.11
C GLN A 94 11.57 21.78 -20.91
N LEU A 95 11.16 20.67 -20.30
CA LEU A 95 10.23 20.68 -19.14
C LEU A 95 11.04 20.62 -17.85
N ARG A 96 10.55 21.21 -16.77
CA ARG A 96 11.29 21.30 -15.48
C ARG A 96 11.72 19.93 -14.99
N ASP A 97 12.98 19.75 -14.62
CA ASP A 97 13.42 18.48 -13.99
C ASP A 97 12.34 18.18 -12.95
N PRO A 98 11.61 17.06 -13.02
CA PRO A 98 10.49 16.84 -12.10
C PRO A 98 10.91 16.98 -10.63
N ARG A 99 10.11 17.70 -9.84
CA ARG A 99 10.40 17.92 -8.40
C ARG A 99 9.32 17.20 -7.59
N GLY A 100 9.36 17.31 -6.28
CA GLY A 100 8.42 16.60 -5.40
C GLY A 100 7.01 17.10 -5.40
N SER A 101 6.83 18.40 -5.50
CA SER A 101 5.46 18.92 -5.62
C SER A 101 4.92 18.34 -6.93
N ASP A 102 5.74 18.25 -7.97
CA ASP A 102 5.32 17.78 -9.31
C ASP A 102 4.90 16.30 -9.32
N ILE A 103 5.64 15.41 -8.64
CA ILE A 103 5.36 13.93 -8.66
C ILE A 103 4.20 13.67 -7.71
N ALA A 104 4.25 14.24 -6.50
CA ALA A 104 3.15 14.15 -5.52
C ALA A 104 1.88 14.55 -6.25
N GLY A 105 1.98 15.35 -7.32
CA GLY A 105 0.83 15.63 -8.22
C GLY A 105 0.16 16.96 -7.98
N THR A 106 0.82 17.92 -7.35
CA THR A 106 0.20 19.22 -6.98
C THR A 106 0.62 20.34 -7.92
N THR A 107 1.86 20.79 -7.83
CA THR A 107 2.36 21.95 -8.62
C THR A 107 2.23 21.69 -10.12
N SER A 108 2.47 20.46 -10.56
CA SER A 108 2.50 20.12 -12.00
C SER A 108 1.12 19.87 -12.60
N THR A 109 1.03 19.82 -13.93
CA THR A 109 -0.22 19.51 -14.65
C THR A 109 -0.24 18.00 -14.89
N VAL A 110 -1.13 17.50 -15.75
CA VAL A 110 -1.17 16.05 -16.12
C VAL A 110 -0.37 15.84 -17.40
N GLU A 111 -0.25 16.86 -18.25
CA GLU A 111 0.42 16.73 -19.57
C GLU A 111 1.94 16.75 -19.38
N GLU A 112 2.41 17.32 -18.27
CA GLU A 112 3.86 17.39 -17.96
C GLU A 112 4.26 16.11 -17.26
N GLN A 113 3.35 15.49 -16.51
CA GLN A 113 3.58 14.19 -15.82
C GLN A 113 3.72 13.12 -16.90
N ILE A 114 2.86 13.13 -17.91
CA ILE A 114 2.90 12.16 -19.05
C ILE A 114 4.17 12.41 -19.86
N GLN A 115 4.43 13.68 -20.20
CA GLN A 115 5.63 14.06 -20.98
C GLN A 115 6.85 13.39 -20.37
N TRP A 116 7.12 13.63 -19.08
CA TRP A 116 8.27 13.02 -18.38
C TRP A 116 8.17 11.51 -18.51
N MET A 117 6.99 10.93 -18.28
CA MET A 117 6.78 9.47 -18.27
C MET A 117 7.19 8.85 -19.61
N TYR A 118 6.94 9.54 -20.71
CA TYR A 118 7.24 9.02 -22.08
C TYR A 118 8.29 9.93 -22.72
N ARG A 119 9.08 10.62 -21.90
CA ARG A 119 10.15 11.51 -22.39
C ARG A 119 11.26 10.63 -22.96
N PRO A 120 11.74 10.86 -24.19
CA PRO A 120 12.73 9.99 -24.79
C PRO A 120 14.03 10.00 -23.98
N GLN A 121 14.49 11.19 -23.58
CA GLN A 121 15.76 11.33 -22.82
C GLN A 121 15.77 10.41 -21.61
N ASN A 122 14.81 10.53 -20.71
CA ASN A 122 14.74 9.74 -19.46
C ASN A 122 13.26 9.51 -19.10
N PRO A 123 12.58 8.49 -19.64
CA PRO A 123 11.20 8.30 -19.25
C PRO A 123 11.20 8.09 -17.74
N VAL A 124 10.44 8.89 -16.99
CA VAL A 124 10.42 8.83 -15.50
C VAL A 124 9.04 8.31 -15.07
N PRO A 125 8.95 7.30 -14.18
CA PRO A 125 7.67 6.74 -13.78
C PRO A 125 7.09 7.58 -12.63
N VAL A 126 6.69 8.81 -12.92
CA VAL A 126 6.17 9.74 -11.88
C VAL A 126 4.96 9.04 -11.27
N GLY A 127 4.18 8.34 -12.06
CA GLY A 127 2.97 7.66 -11.57
C GLY A 127 3.32 6.58 -10.58
N ASN A 128 4.31 5.76 -10.88
CA ASN A 128 4.71 4.62 -10.02
C ASN A 128 5.37 5.12 -8.74
N ILE A 129 6.21 6.15 -8.83
CA ILE A 129 6.98 6.67 -7.65
C ILE A 129 6.03 7.23 -6.61
N TYR A 130 5.06 8.05 -7.03
CA TYR A 130 4.09 8.68 -6.11
C TYR A 130 3.24 7.57 -5.50
N ARG A 131 2.86 6.59 -6.30
CA ARG A 131 2.03 5.45 -5.85
C ARG A 131 2.77 4.67 -4.78
N ARG A 132 4.09 4.48 -4.94
CA ARG A 132 4.92 3.75 -3.95
C ARG A 132 4.93 4.50 -2.63
N TRP A 133 5.09 5.81 -2.68
CA TRP A 133 5.12 6.66 -1.47
C TRP A 133 3.81 6.44 -0.72
N ILE A 134 2.73 6.28 -1.47
CA ILE A 134 1.37 6.09 -0.88
C ILE A 134 1.25 4.74 -0.22
N GLN A 135 1.77 3.70 -0.85
CA GLN A 135 1.67 2.33 -0.31
C GLN A 135 2.29 2.39 1.09
N ILE A 136 3.31 3.21 1.28
CA ILE A 136 3.96 3.41 2.60
C ILE A 136 2.97 4.05 3.58
N GLY A 137 2.28 5.13 3.17
CA GLY A 137 1.28 5.81 4.01
C GLY A 137 0.11 4.89 4.30
N LEU A 138 -0.37 4.17 3.28
CA LEU A 138 -1.48 3.20 3.42
C LEU A 138 -1.06 2.08 4.35
N GLN A 139 0.18 1.60 4.21
CA GLN A 139 0.70 0.49 5.04
C GLN A 139 0.78 0.95 6.48
N LYS A 140 1.22 2.18 6.71
CA LYS A 140 1.30 2.74 8.08
C LYS A 140 -0.12 2.75 8.65
N CYS A 141 -1.11 3.15 7.85
CA CYS A 141 -2.53 3.22 8.27
C CYS A 141 -3.06 1.83 8.61
N VAL A 142 -2.85 0.84 7.73
CA VAL A 142 -3.24 -0.57 8.00
C VAL A 142 -2.79 -0.88 9.43
N ARG A 143 -1.51 -0.66 9.71
CA ARG A 143 -0.90 -0.92 11.03
C ARG A 143 -1.54 -0.02 12.10
N MET A 144 -1.75 1.27 11.83
CA MET A 144 -2.32 2.21 12.83
C MET A 144 -3.72 1.70 13.19
N TYR A 145 -4.45 1.19 12.19
CA TYR A 145 -5.85 0.73 12.35
C TYR A 145 -5.92 -0.73 12.78
N ASN A 146 -4.82 -1.47 12.71
CA ASN A 146 -4.89 -2.93 12.99
C ASN A 146 -5.66 -3.07 14.31
N PRO A 147 -6.75 -3.86 14.33
CA PRO A 147 -7.59 -3.96 15.53
C PRO A 147 -6.84 -4.56 16.71
N THR A 148 -5.97 -5.53 16.47
CA THR A 148 -5.26 -6.28 17.53
C THR A 148 -3.76 -6.27 17.30
N ASN A 149 -3.01 -7.14 17.96
CA ASN A 149 -1.56 -7.33 17.72
C ASN A 149 -1.34 -8.84 17.67
N ILE A 150 -0.35 -9.32 16.93
CA ILE A 150 -0.10 -10.78 16.73
C ILE A 150 0.15 -11.46 18.07
N LEU A 151 0.79 -10.78 19.02
CA LEU A 151 1.12 -11.35 20.35
C LEU A 151 -0.17 -11.64 21.11
N ASP A 152 -1.22 -10.84 20.88
CA ASP A 152 -2.51 -10.96 21.61
C ASP A 152 -3.50 -11.80 20.81
N VAL A 153 -3.13 -12.21 19.59
CA VAL A 153 -3.99 -13.11 18.78
C VAL A 153 -3.72 -14.50 19.32
N LYS A 154 -4.64 -15.04 20.13
CA LYS A 154 -4.43 -16.35 20.80
C LYS A 154 -5.67 -17.21 20.60
N GLN A 155 -5.51 -18.53 20.48
CA GLN A 155 -6.65 -19.44 20.25
C GLN A 155 -7.59 -19.34 21.45
N GLY A 156 -8.88 -19.17 21.21
CA GLY A 156 -9.89 -19.17 22.28
C GLY A 156 -10.27 -20.60 22.60
N PRO A 157 -10.70 -20.94 23.83
CA PRO A 157 -10.97 -22.34 24.21
C PRO A 157 -11.83 -23.11 23.19
N LYS A 158 -12.88 -22.49 22.64
CA LYS A 158 -13.79 -23.12 21.66
C LYS A 158 -13.45 -22.61 20.25
N GLU A 159 -12.68 -21.53 20.14
CA GLU A 159 -12.22 -21.05 18.81
C GLU A 159 -11.42 -22.20 18.19
N PRO A 160 -11.53 -22.47 16.87
CA PRO A 160 -10.70 -23.49 16.24
C PRO A 160 -9.28 -22.98 15.96
N PHE A 161 -8.33 -23.87 15.74
CA PHE A 161 -6.91 -23.53 15.47
C PHE A 161 -6.75 -22.71 14.20
N GLN A 162 -7.42 -23.09 13.11
CA GLN A 162 -7.28 -22.43 11.80
C GLN A 162 -7.73 -20.97 11.89
N SER A 163 -8.82 -20.69 12.58
CA SER A 163 -9.35 -19.32 12.73
C SER A 163 -8.35 -18.47 13.51
N TYR A 164 -7.80 -19.03 14.59
CA TYR A 164 -6.77 -18.36 15.41
C TYR A 164 -5.57 -18.07 14.51
N VAL A 165 -5.24 -19.03 13.67
CA VAL A 165 -4.09 -18.91 12.73
C VAL A 165 -4.36 -17.84 11.68
N ASP A 166 -5.57 -17.82 11.15
CA ASP A 166 -5.94 -16.85 10.09
C ASP A 166 -5.67 -15.46 10.64
N ARG A 167 -6.09 -15.21 11.87
CA ARG A 167 -5.90 -13.89 12.53
C ARG A 167 -4.41 -13.63 12.72
N PHE A 168 -3.65 -14.63 13.15
CA PHE A 168 -2.21 -14.51 13.45
C PHE A 168 -1.42 -14.11 12.21
N TYR A 169 -1.63 -14.80 11.09
CA TYR A 169 -0.89 -14.56 9.83
C TYR A 169 -1.34 -13.22 9.24
N LYS A 170 -2.62 -12.89 9.34
CA LYS A 170 -3.16 -11.60 8.84
C LYS A 170 -2.48 -10.45 9.57
N SER A 171 -2.39 -10.56 10.90
CA SER A 171 -1.75 -9.52 11.75
C SER A 171 -0.26 -9.43 11.42
N LEU A 172 0.39 -10.58 11.21
CA LEU A 172 1.82 -10.63 10.85
C LEU A 172 2.03 -9.75 9.61
N ARG A 173 1.15 -9.85 8.62
CA ARG A 173 1.21 -9.02 7.38
C ARG A 173 1.02 -7.55 7.71
N ALA A 174 -0.08 -7.19 8.36
CA ALA A 174 -0.45 -5.78 8.67
C ALA A 174 0.55 -5.09 9.60
N GLU A 175 0.96 -5.76 10.68
CA GLU A 175 1.98 -5.23 11.62
C GLU A 175 3.25 -5.05 10.82
N GLN A 176 3.40 -5.81 9.73
CA GLN A 176 4.57 -5.69 8.83
C GLN A 176 5.84 -5.83 9.65
N THR A 177 5.94 -6.90 10.44
CA THR A 177 7.16 -7.19 11.24
C THR A 177 8.24 -7.67 10.25
N ASP A 178 9.52 -7.56 10.60
CA ASP A 178 10.63 -7.93 9.68
C ASP A 178 10.50 -9.41 9.34
N PRO A 179 10.88 -9.87 8.14
CA PRO A 179 10.68 -11.26 7.73
C PRO A 179 11.33 -12.30 8.65
N ALA A 180 12.53 -12.03 9.15
CA ALA A 180 13.25 -12.94 10.08
C ALA A 180 12.45 -13.10 11.36
N VAL A 181 11.83 -12.02 11.85
CA VAL A 181 11.05 -12.04 13.11
C VAL A 181 9.72 -12.73 12.85
N LYS A 182 9.23 -12.70 11.61
CA LYS A 182 7.98 -13.37 11.19
C LYS A 182 8.17 -14.88 11.28
N ASN A 183 9.36 -15.38 10.94
CA ASN A 183 9.67 -16.83 11.02
C ASN A 183 9.70 -17.26 12.48
N TRP A 184 10.20 -16.43 13.38
CA TRP A 184 10.28 -16.77 14.83
C TRP A 184 8.87 -16.84 15.40
N MET A 185 8.03 -15.85 15.11
CA MET A 185 6.64 -15.78 15.64
C MET A 185 5.86 -16.99 15.15
N THR A 186 5.96 -17.32 13.88
CA THR A 186 5.18 -18.42 13.27
C THR A 186 5.57 -19.75 13.92
N GLN A 187 6.84 -19.95 14.25
CA GLN A 187 7.33 -21.25 14.77
C GLN A 187 7.30 -21.33 16.30
N THR A 188 7.09 -20.21 17.00
CA THR A 188 7.17 -20.17 18.49
C THR A 188 5.91 -19.60 19.13
N LEU A 189 5.54 -18.37 18.80
CA LEU A 189 4.39 -17.66 19.42
C LEU A 189 3.11 -18.43 19.12
N LEU A 190 3.08 -19.22 18.05
CA LEU A 190 1.86 -19.93 17.61
C LEU A 190 1.66 -21.25 18.35
N ILE A 191 2.74 -21.85 18.82
CA ILE A 191 2.59 -23.05 19.69
C ILE A 191 2.28 -22.45 21.05
N GLN A 192 2.82 -21.26 21.34
CA GLN A 192 2.70 -20.60 22.65
C GLN A 192 1.30 -20.02 22.94
N ASN A 193 0.65 -19.36 21.98
CA ASN A 193 -0.65 -18.68 22.25
C ASN A 193 -1.83 -19.61 22.01
N ALA A 194 -1.59 -20.80 21.46
CA ALA A 194 -2.65 -21.77 21.13
C ALA A 194 -3.15 -22.46 22.41
N ASN A 195 -4.39 -22.97 22.41
CA ASN A 195 -4.94 -23.74 23.55
C ASN A 195 -3.89 -24.79 23.94
N PRO A 196 -3.89 -25.33 25.18
CA PRO A 196 -2.87 -26.28 25.60
C PRO A 196 -3.04 -27.62 24.89
N ASP A 197 -4.27 -28.11 24.77
CA ASP A 197 -4.54 -29.43 24.12
C ASP A 197 -4.03 -29.40 22.69
N CYS A 198 -4.35 -28.36 21.93
CA CYS A 198 -3.89 -28.20 20.53
C CYS A 198 -2.39 -27.95 20.52
N LYS A 199 -1.88 -27.21 21.50
CA LYS A 199 -0.43 -26.91 21.63
C LYS A 199 0.32 -28.23 21.77
N LEU A 200 -0.20 -29.16 22.58
CA LEU A 200 0.43 -30.49 22.80
C LEU A 200 0.39 -31.29 21.50
N VAL A 201 -0.67 -31.16 20.70
CA VAL A 201 -0.79 -31.88 19.40
C VAL A 201 0.36 -31.41 18.50
N LEU A 202 0.62 -30.10 18.44
CA LEU A 202 1.71 -29.53 17.61
C LEU A 202 3.05 -29.99 18.18
N LYS A 203 3.17 -30.03 19.51
CA LYS A 203 4.40 -30.47 20.21
C LYS A 203 4.63 -31.95 19.93
N GLY A 204 3.57 -32.75 19.87
CA GLY A 204 3.67 -34.19 19.60
C GLY A 204 4.26 -34.41 18.22
N LEU A 205 4.01 -33.49 17.29
CA LEU A 205 4.54 -33.58 15.91
C LEU A 205 6.06 -33.58 15.96
N GLY A 206 6.64 -32.70 16.78
CA GLY A 206 8.11 -32.57 16.87
C GLY A 206 8.54 -31.12 16.75
N MET A 207 9.61 -30.84 16.01
CA MET A 207 10.19 -29.49 15.90
C MET A 207 9.99 -28.92 14.48
N ASN A 208 9.77 -27.61 14.37
CA ASN A 208 9.58 -26.92 13.07
C ASN A 208 8.47 -27.60 12.27
N PRO A 209 7.30 -27.92 12.86
CA PRO A 209 6.23 -28.51 12.08
C PRO A 209 5.77 -27.52 11.01
N THR A 210 5.60 -27.94 9.76
CA THR A 210 5.10 -27.07 8.66
C THR A 210 3.65 -26.75 8.97
N LEU A 211 3.09 -25.74 8.32
CA LEU A 211 1.71 -25.32 8.65
C LEU A 211 0.72 -26.38 8.17
N GLU A 212 1.00 -26.99 7.03
CA GLU A 212 0.11 -28.03 6.49
C GLU A 212 0.06 -29.10 7.58
N GLU A 213 1.21 -29.43 8.15
CA GLU A 213 1.31 -30.49 9.19
C GLU A 213 0.51 -30.06 10.41
N MET A 214 0.69 -28.83 10.88
CA MET A 214 0.04 -28.35 12.12
C MET A 214 -1.46 -28.20 11.88
N LEU A 215 -1.84 -27.66 10.73
CA LEU A 215 -3.25 -27.34 10.46
C LEU A 215 -4.00 -28.67 10.34
N THR A 216 -3.39 -29.69 9.75
CA THR A 216 -3.99 -31.04 9.60
C THR A 216 -4.06 -31.73 10.96
N ALA A 217 -3.00 -31.64 11.75
CA ALA A 217 -2.89 -32.36 13.04
C ALA A 217 -3.93 -31.89 14.06
N CYS A 218 -4.20 -30.60 14.16
CA CYS A 218 -5.10 -30.07 15.20
C CYS A 218 -6.51 -29.96 14.63
N GLN A 219 -6.76 -30.60 13.49
CA GLN A 219 -8.12 -30.60 12.89
C GLN A 219 -8.99 -31.50 13.75
N GLY A 220 -10.01 -30.94 14.43
CA GLY A 220 -10.93 -31.71 15.28
C GLY A 220 -10.48 -31.76 16.73
N VAL A 221 -9.44 -31.03 17.11
CA VAL A 221 -8.88 -31.04 18.50
C VAL A 221 -9.52 -29.90 19.29
N SER B 2 -9.57 26.98 1.50
CA SER B 2 -8.77 26.53 0.34
C SER B 2 -9.63 25.69 -0.60
N GLY B 3 -9.53 24.35 -0.54
CA GLY B 3 -10.31 23.46 -1.43
C GLY B 3 -10.71 22.18 -0.73
N VAL B 4 -11.44 21.32 -1.43
CA VAL B 4 -11.86 19.99 -0.91
C VAL B 4 -10.95 18.97 -1.60
N PHE B 5 -9.74 19.39 -2.00
CA PHE B 5 -8.75 18.52 -2.65
C PHE B 5 -7.52 18.42 -1.73
N THR B 6 -7.51 17.45 -0.82
CA THR B 6 -6.38 17.23 0.13
C THR B 6 -5.12 16.92 -0.69
N PHE B 7 -5.24 16.16 -1.77
CA PHE B 7 -4.11 15.74 -2.62
C PHE B 7 -4.16 16.53 -3.93
N GLY B 8 -3.01 16.91 -4.47
CA GLY B 8 -2.97 17.58 -5.79
C GLY B 8 -3.09 19.08 -5.66
N ALA B 9 -3.52 19.76 -6.72
CA ALA B 9 -3.65 21.23 -6.76
C ALA B 9 -4.99 21.64 -6.15
#